data_5J4V
#
_entry.id   5J4V
#
_cell.length_a   109.920
_cell.length_b   109.920
_cell.length_c   66.860
_cell.angle_alpha   90.000
_cell.angle_beta   90.000
_cell.angle_gamma   120.000
#
_symmetry.space_group_name_H-M   'P 6'
#
loop_
_entity.id
_entity.type
_entity.pdbx_description
1 polymer 'Large T antigen'
2 non-polymer 'ZINC ION'
3 non-polymer '2-(N-MORPHOLINO)-ETHANESULFONIC ACID'
4 non-polymer 'SULFATE ION'
5 non-polymer 2-(2-phenoxypyridin-3-yl)[1,3]thiazolo[5,4-c]pyridine
6 water water
#
_entity_poly.entity_id   1
_entity_poly.type   'polypeptide(L)'
_entity_poly.pdbx_seq_one_letter_code
;GSHMEEPEETKQVSWKLVTQYALDTKCEDVFLLMGMYLNFQEAPAACAACAAADQPNHFNHHEKHYYNAQIFADSKNQKS
ICQQAVDTVAAKQRVDSLHMTREEMLVERFNFLLDKMDLIFGAHGNAVLEQYMAGVAWIHCLLPQMDTVIYEFLKCIVLN
IPKKRYWLFKGPIDSGKTTLAAALLDLCGGKSLNVNMPLERLNFELGVGIDQFMVVFEDVKGTGAESRDLPSGHGISNLD
CLRDYLDGSVKVNLERKHQNKRTQVFPPGIVTMNEYSVPRTLQARFVRQIDFRPKAYLRKSLSCSEYLLEKRILQSGMTL
LLLLIWFRPVADFAAAIHERIVQWKERLDLEISMYTFSTMKANVGMGAPILD
;
_entity_poly.pdbx_strand_id   A
#
loop_
_chem_comp.id
_chem_comp.type
_chem_comp.name
_chem_comp.formula
6JH non-polymer 2-(2-phenoxypyridin-3-yl)[1,3]thiazolo[5,4-c]pyridine 'C17 H11 N3 O S'
MES non-polymer '2-(N-MORPHOLINO)-ETHANESULFONIC ACID' 'C6 H13 N O4 S'
SO4 non-polymer 'SULFATE ION' 'O4 S -2'
ZN non-polymer 'ZINC ION' 'Zn 2'
#
# COMPACT_ATOMS: atom_id res chain seq x y z
N THR A 10 30.08 -26.25 22.62
CA THR A 10 29.28 -25.01 22.61
C THR A 10 27.89 -25.19 21.98
N LYS A 11 26.95 -24.23 22.27
CA LYS A 11 25.58 -24.19 21.74
C LYS A 11 25.59 -23.71 20.29
N GLN A 12 24.53 -24.05 19.55
CA GLN A 12 24.38 -23.72 18.13
C GLN A 12 23.00 -23.06 17.85
N VAL A 13 23.05 -21.88 17.17
CA VAL A 13 21.87 -21.08 16.78
C VAL A 13 20.95 -21.87 15.86
N SER A 14 19.62 -21.80 16.06
CA SER A 14 18.68 -22.45 15.16
C SER A 14 18.35 -21.46 14.03
N TRP A 15 19.01 -21.63 12.86
CA TRP A 15 18.78 -20.75 11.70
C TRP A 15 17.30 -20.75 11.31
N LYS A 16 16.67 -21.95 11.35
CA LYS A 16 15.25 -22.23 11.07
C LYS A 16 14.34 -21.31 11.88
N LEU A 17 14.67 -21.11 13.17
CA LEU A 17 13.90 -20.24 14.06
C LEU A 17 14.11 -18.74 13.74
N VAL A 18 15.34 -18.36 13.30
CA VAL A 18 15.63 -16.99 12.88
C VAL A 18 14.79 -16.75 11.61
N THR A 19 14.83 -17.74 10.70
CA THR A 19 14.10 -17.78 9.43
C THR A 19 12.60 -17.67 9.71
N GLN A 20 12.10 -18.35 10.77
CA GLN A 20 10.69 -18.31 11.16
C GLN A 20 10.24 -16.91 11.43
N TYR A 21 11.01 -16.17 12.27
CA TYR A 21 10.76 -14.78 12.63
C TYR A 21 10.68 -13.87 11.37
N ALA A 22 11.65 -14.06 10.40
CA ALA A 22 11.72 -13.33 9.14
C ALA A 22 10.41 -13.53 8.38
N LEU A 23 9.97 -14.79 8.28
CA LEU A 23 8.71 -15.13 7.63
C LEU A 23 7.56 -14.46 8.36
N ASP A 24 7.44 -14.71 9.66
CA ASP A 24 6.40 -14.16 10.51
C ASP A 24 6.25 -12.66 10.44
N THR A 25 7.35 -11.93 10.21
CA THR A 25 7.31 -10.46 10.14
C THR A 25 7.47 -9.92 8.72
N LYS A 26 7.58 -10.82 7.70
CA LYS A 26 7.83 -10.51 6.28
C LYS A 26 9.03 -9.57 6.14
N CYS A 27 10.15 -9.96 6.74
CA CYS A 27 11.38 -9.19 6.71
C CYS A 27 12.16 -9.42 5.42
N GLU A 28 12.33 -8.34 4.62
CA GLU A 28 13.08 -8.33 3.35
C GLU A 28 14.43 -7.60 3.50
N ASP A 29 14.77 -7.24 4.76
CA ASP A 29 15.97 -6.48 5.15
C ASP A 29 16.88 -7.26 6.10
N VAL A 30 18.07 -7.66 5.63
CA VAL A 30 19.10 -8.40 6.37
C VAL A 30 19.47 -7.61 7.65
N PHE A 31 19.87 -6.32 7.49
CA PHE A 31 20.21 -5.42 8.60
C PHE A 31 19.12 -5.27 9.59
N LEU A 32 17.86 -5.05 9.14
CA LEU A 32 16.72 -4.91 10.04
C LEU A 32 16.50 -6.21 10.83
N LEU A 33 16.64 -7.37 10.15
CA LEU A 33 16.53 -8.65 10.82
C LEU A 33 17.67 -8.87 11.83
N MET A 34 18.89 -8.40 11.53
CA MET A 34 20.01 -8.54 12.44
C MET A 34 19.79 -7.76 13.75
N GLY A 35 19.40 -6.49 13.65
CA GLY A 35 19.16 -5.67 14.83
C GLY A 35 17.88 -6.04 15.57
N MET A 36 16.87 -6.55 14.83
CA MET A 36 15.58 -6.96 15.40
C MET A 36 15.74 -8.24 16.22
N TYR A 37 16.51 -9.21 15.69
CA TYR A 37 16.76 -10.45 16.40
C TYR A 37 17.59 -10.21 17.64
N LEU A 38 18.64 -9.38 17.49
CA LEU A 38 19.51 -9.03 18.61
C LEU A 38 18.78 -8.39 19.81
N ASN A 39 17.76 -7.56 19.56
CA ASN A 39 17.00 -6.95 20.65
C ASN A 39 16.26 -7.95 21.56
N PHE A 40 16.18 -9.23 21.10
CA PHE A 40 15.52 -10.34 21.79
C PHE A 40 16.43 -11.06 22.81
N GLN A 41 17.74 -10.70 22.88
CA GLN A 41 18.71 -11.35 23.78
C GLN A 41 18.47 -11.04 25.27
N GLU A 42 17.96 -9.84 25.59
CA GLU A 42 17.65 -9.43 26.96
C GLU A 42 16.41 -10.19 27.49
N ALA A 43 16.30 -10.36 28.83
CA ALA A 43 15.19 -11.11 29.45
C ALA A 43 13.80 -10.46 29.24
N PRO A 44 12.80 -11.20 28.65
CA PRO A 44 11.48 -10.59 28.41
C PRO A 44 10.78 -10.10 29.67
N ALA A 45 10.99 -10.81 30.80
CA ALA A 45 10.43 -10.49 32.11
C ALA A 45 10.83 -9.11 32.60
N ALA A 46 12.04 -8.65 32.23
CA ALA A 46 12.57 -7.33 32.59
C ALA A 46 12.71 -6.44 31.33
N CYS A 47 11.94 -6.75 30.27
CA CYS A 47 12.02 -5.99 29.02
C CYS A 47 11.02 -4.85 28.95
N ALA A 48 11.56 -3.62 28.79
CA ALA A 48 10.75 -2.40 28.70
C ALA A 48 9.91 -2.32 27.42
N ALA A 49 10.44 -2.82 26.28
CA ALA A 49 9.73 -2.83 25.00
C ALA A 49 8.59 -3.85 25.02
N CYS A 50 8.68 -4.83 25.94
CA CYS A 50 7.67 -5.87 26.18
C CYS A 50 6.57 -5.26 27.02
N ALA A 51 6.96 -4.48 28.08
CA ALA A 51 6.06 -3.78 29.00
C ALA A 51 5.25 -2.69 28.27
N ALA A 52 5.91 -1.98 27.30
CA ALA A 52 5.32 -0.92 26.45
C ALA A 52 4.28 -1.48 25.47
N ALA A 53 4.52 -2.72 24.98
CA ALA A 53 3.66 -3.49 24.07
C ALA A 53 3.14 -2.68 22.86
N ASP A 54 4.07 -2.05 22.11
CA ASP A 54 3.76 -1.21 20.95
C ASP A 54 4.44 -1.64 19.64
N GLN A 55 5.42 -2.55 19.74
CA GLN A 55 6.14 -3.08 18.59
C GLN A 55 5.76 -4.56 18.50
N PRO A 56 4.65 -4.95 17.81
CA PRO A 56 4.23 -6.38 17.79
C PRO A 56 5.29 -7.31 17.24
N ASN A 57 6.08 -6.81 16.28
CA ASN A 57 7.19 -7.56 15.70
C ASN A 57 8.24 -7.93 16.77
N HIS A 58 8.27 -7.16 17.90
CA HIS A 58 9.11 -7.43 19.04
C HIS A 58 8.49 -8.17 20.26
N PHE A 59 7.28 -7.76 20.71
CA PHE A 59 6.60 -8.27 21.91
C PHE A 59 5.89 -9.60 21.62
N ASN A 60 5.50 -9.84 20.37
CA ASN A 60 4.87 -11.13 20.06
C ASN A 60 5.92 -12.21 19.86
N HIS A 61 7.16 -11.81 19.63
CA HIS A 61 8.20 -12.75 19.31
C HIS A 61 9.28 -12.90 20.39
N HIS A 62 9.45 -11.91 21.28
CA HIS A 62 10.49 -11.94 22.32
C HIS A 62 10.55 -13.25 23.13
N GLU A 63 9.41 -13.76 23.63
CA GLU A 63 9.44 -14.98 24.42
C GLU A 63 9.87 -16.23 23.62
N LYS A 64 9.47 -16.32 22.35
CA LYS A 64 9.80 -17.43 21.44
C LYS A 64 11.28 -17.43 20.99
N HIS A 65 11.93 -16.25 20.91
CA HIS A 65 13.29 -16.19 20.40
C HIS A 65 14.36 -15.77 21.41
N TYR A 66 14.02 -15.64 22.72
CA TYR A 66 14.94 -15.24 23.80
C TYR A 66 16.22 -16.07 23.97
N TYR A 67 16.11 -17.42 23.93
CA TYR A 67 17.25 -18.33 24.12
C TYR A 67 18.06 -18.39 22.84
N ASN A 68 17.37 -18.47 21.68
CA ASN A 68 18.01 -18.51 20.37
C ASN A 68 18.78 -17.22 20.09
N ALA A 69 18.20 -16.06 20.50
CA ALA A 69 18.82 -14.74 20.35
C ALA A 69 20.06 -14.62 21.25
N GLN A 70 20.07 -15.31 22.42
CA GLN A 70 21.20 -15.34 23.36
C GLN A 70 22.35 -16.06 22.68
N ILE A 71 22.04 -17.16 21.93
CA ILE A 71 23.02 -17.93 21.15
C ILE A 71 23.52 -17.05 19.98
N PHE A 72 22.57 -16.50 19.18
CA PHE A 72 22.80 -15.59 18.06
C PHE A 72 23.75 -14.49 18.44
N ALA A 73 23.54 -13.83 19.61
CA ALA A 73 24.42 -12.77 20.12
C ALA A 73 25.91 -13.19 20.18
N ASP A 74 26.21 -14.50 20.33
CA ASP A 74 27.56 -15.06 20.38
C ASP A 74 28.07 -15.59 19.01
N SER A 75 27.22 -15.57 17.96
CA SER A 75 27.59 -16.03 16.62
C SER A 75 28.60 -15.11 15.92
N LYS A 76 29.43 -15.72 15.04
CA LYS A 76 30.46 -15.07 14.25
C LYS A 76 29.86 -14.87 12.88
N ASN A 77 28.69 -15.51 12.67
CA ASN A 77 28.00 -15.67 11.39
C ASN A 77 26.62 -15.03 11.27
N GLN A 78 26.41 -13.94 11.99
CA GLN A 78 25.13 -13.24 12.06
C GLN A 78 24.55 -12.83 10.67
N LYS A 79 25.33 -12.16 9.77
CA LYS A 79 24.83 -11.75 8.44
C LYS A 79 24.43 -12.92 7.57
N SER A 80 25.25 -14.00 7.56
CA SER A 80 24.99 -15.24 6.81
C SER A 80 23.67 -15.88 7.29
N ILE A 81 23.47 -16.03 8.62
CA ILE A 81 22.21 -16.56 9.18
C ILE A 81 21.03 -15.69 8.67
N CYS A 82 21.20 -14.35 8.72
CA CYS A 82 20.20 -13.38 8.29
C CYS A 82 19.93 -13.35 6.80
N GLN A 83 20.97 -13.62 5.99
CA GLN A 83 20.84 -13.68 4.54
C GLN A 83 19.96 -14.87 4.15
N GLN A 84 20.16 -16.06 4.77
CA GLN A 84 19.34 -17.23 4.49
C GLN A 84 17.86 -16.98 4.80
N ALA A 85 17.59 -16.34 5.95
CA ALA A 85 16.27 -15.96 6.41
C ALA A 85 15.64 -15.04 5.36
N VAL A 86 16.29 -13.89 5.05
CA VAL A 86 15.76 -12.96 4.04
C VAL A 86 15.54 -13.69 2.68
N ASP A 87 16.47 -14.61 2.32
CA ASP A 87 16.33 -15.42 1.13
C ASP A 87 15.08 -16.32 1.17
N THR A 88 14.77 -16.94 2.35
CA THR A 88 13.57 -17.78 2.54
C THR A 88 12.32 -16.93 2.29
N VAL A 89 12.36 -15.66 2.75
CA VAL A 89 11.28 -14.71 2.50
C VAL A 89 11.08 -14.54 0.96
N ALA A 90 12.15 -14.20 0.18
CA ALA A 90 12.07 -14.04 -1.28
C ALA A 90 11.55 -15.30 -1.99
N ALA A 91 11.94 -16.48 -1.41
CA ALA A 91 11.56 -17.82 -1.85
C ALA A 91 10.08 -18.00 -1.67
N LYS A 92 9.56 -17.78 -0.43
CA LYS A 92 8.15 -17.84 -0.06
C LYS A 92 7.35 -16.91 -0.96
N GLN A 93 7.92 -15.74 -1.31
CA GLN A 93 7.30 -14.77 -2.22
C GLN A 93 7.14 -15.30 -3.66
N ARG A 94 8.22 -15.92 -4.21
CA ARG A 94 8.22 -16.54 -5.55
C ARG A 94 7.21 -17.68 -5.63
N VAL A 95 7.08 -18.43 -4.51
CA VAL A 95 6.19 -19.57 -4.44
C VAL A 95 4.77 -19.09 -4.63
N ASP A 96 4.38 -18.06 -3.84
CA ASP A 96 3.05 -17.48 -3.86
C ASP A 96 2.74 -16.80 -5.17
N SER A 97 3.66 -15.98 -5.71
CA SER A 97 3.44 -15.28 -6.99
C SER A 97 2.96 -16.24 -8.07
N LEU A 98 3.33 -17.53 -7.95
CA LEU A 98 2.94 -18.62 -8.84
C LEU A 98 1.78 -19.48 -8.31
N HIS A 99 1.80 -19.88 -7.02
CA HIS A 99 0.81 -20.72 -6.36
C HIS A 99 -0.46 -20.01 -5.86
N MET A 100 -0.33 -18.83 -5.24
CA MET A 100 -1.45 -18.06 -4.67
C MET A 100 -2.33 -17.39 -5.72
N THR A 101 -3.66 -17.37 -5.47
CA THR A 101 -4.64 -16.67 -6.31
C THR A 101 -4.50 -15.20 -5.93
N ARG A 102 -4.83 -14.31 -6.87
CA ARG A 102 -4.72 -12.88 -6.62
C ARG A 102 -5.66 -12.40 -5.49
N GLU A 103 -6.81 -13.09 -5.27
CA GLU A 103 -7.70 -12.76 -4.15
C GLU A 103 -6.99 -13.13 -2.83
N GLU A 104 -6.29 -14.30 -2.80
CA GLU A 104 -5.52 -14.79 -1.63
C GLU A 104 -4.42 -13.79 -1.27
N MET A 105 -3.81 -13.16 -2.30
CA MET A 105 -2.77 -12.15 -2.14
C MET A 105 -3.33 -10.84 -1.59
N LEU A 106 -4.60 -10.46 -1.97
CA LEU A 106 -5.17 -9.20 -1.47
C LEU A 106 -5.60 -9.34 0.00
N VAL A 107 -6.11 -10.54 0.39
CA VAL A 107 -6.49 -10.89 1.77
C VAL A 107 -5.24 -10.77 2.65
N GLU A 108 -4.10 -11.38 2.20
CA GLU A 108 -2.80 -11.34 2.86
C GLU A 108 -2.38 -9.90 3.09
N ARG A 109 -2.59 -9.03 2.08
CA ARG A 109 -2.31 -7.60 2.21
C ARG A 109 -3.30 -6.91 3.24
N PHE A 110 -4.61 -7.24 3.13
CA PHE A 110 -5.65 -6.68 3.97
C PHE A 110 -5.37 -6.96 5.43
N ASN A 111 -4.86 -8.19 5.72
CA ASN A 111 -4.47 -8.60 7.07
C ASN A 111 -3.34 -7.76 7.63
N PHE A 112 -2.40 -7.36 6.74
CA PHE A 112 -1.26 -6.53 7.09
C PHE A 112 -1.73 -5.16 7.59
N LEU A 113 -2.59 -4.49 6.79
CA LEU A 113 -3.17 -3.21 7.15
C LEU A 113 -4.00 -3.38 8.42
N LEU A 114 -4.80 -4.48 8.51
CA LEU A 114 -5.64 -4.77 9.69
C LEU A 114 -4.84 -4.98 10.99
N ASP A 115 -3.64 -5.63 10.91
CA ASP A 115 -2.78 -5.86 12.08
C ASP A 115 -2.26 -4.53 12.59
N LYS A 116 -1.85 -3.66 11.62
CA LYS A 116 -1.35 -2.30 11.83
C LYS A 116 -2.50 -1.48 12.46
N MET A 117 -3.72 -1.65 11.94
CA MET A 117 -4.90 -0.95 12.46
C MET A 117 -5.20 -1.37 13.89
N ASP A 118 -5.19 -2.69 14.18
CA ASP A 118 -5.40 -3.26 15.53
C ASP A 118 -4.47 -2.60 16.55
N LEU A 119 -3.21 -2.39 16.14
CA LEU A 119 -2.17 -1.80 16.97
C LEU A 119 -2.34 -0.29 17.24
N ILE A 120 -2.33 0.55 16.17
CA ILE A 120 -2.38 2.02 16.27
C ILE A 120 -3.73 2.54 16.82
N PHE A 121 -4.82 1.78 16.63
CA PHE A 121 -6.14 2.15 17.15
C PHE A 121 -6.49 1.41 18.44
N GLY A 122 -5.51 0.65 18.94
CA GLY A 122 -5.63 -0.16 20.15
C GLY A 122 -5.09 0.48 21.40
N ALA A 123 -5.05 -0.32 22.48
CA ALA A 123 -4.60 0.08 23.83
C ALA A 123 -3.24 0.78 23.84
N HIS A 124 -2.29 0.26 23.07
CA HIS A 124 -0.94 0.81 23.04
C HIS A 124 -0.68 1.74 21.84
N GLY A 125 -1.67 1.87 20.94
CA GLY A 125 -1.58 2.77 19.80
C GLY A 125 -1.75 4.22 20.17
N ASN A 126 -1.48 5.12 19.21
CA ASN A 126 -1.57 6.58 19.40
C ASN A 126 -2.51 7.27 18.41
N ALA A 127 -2.69 6.69 17.23
CA ALA A 127 -3.59 7.22 16.20
C ALA A 127 -5.04 7.25 16.72
N VAL A 128 -5.76 8.29 16.29
CA VAL A 128 -7.14 8.59 16.65
C VAL A 128 -8.06 8.20 15.48
N LEU A 129 -8.95 7.22 15.74
CA LEU A 129 -9.82 6.61 14.73
C LEU A 129 -10.79 7.61 14.09
N GLU A 130 -11.34 8.55 14.89
CA GLU A 130 -12.27 9.58 14.40
C GLU A 130 -11.54 10.51 13.42
N GLN A 131 -10.21 10.68 13.58
CA GLN A 131 -9.40 11.47 12.64
C GLN A 131 -9.30 10.73 11.32
N TYR A 132 -9.16 9.41 11.35
CA TYR A 132 -9.05 8.58 10.14
C TYR A 132 -10.39 8.50 9.45
N MET A 133 -11.47 8.51 10.27
CA MET A 133 -12.84 8.48 9.78
C MET A 133 -13.16 9.80 9.09
N ALA A 134 -12.59 10.92 9.63
CA ALA A 134 -12.69 12.27 9.07
C ALA A 134 -12.04 12.27 7.71
N GLY A 135 -10.94 11.49 7.57
CA GLY A 135 -10.21 11.27 6.32
C GLY A 135 -11.03 10.49 5.32
N VAL A 136 -11.72 9.40 5.78
CA VAL A 136 -12.62 8.52 4.99
C VAL A 136 -13.66 9.42 4.30
N ALA A 137 -14.27 10.36 5.08
CA ALA A 137 -15.25 11.33 4.62
C ALA A 137 -14.72 12.15 3.46
N TRP A 138 -13.62 12.92 3.71
CA TRP A 138 -12.94 13.71 2.69
C TRP A 138 -12.73 12.87 1.43
N ILE A 139 -12.09 11.66 1.55
CA ILE A 139 -11.83 10.75 0.42
C ILE A 139 -13.13 10.44 -0.33
N HIS A 140 -14.24 10.17 0.42
CA HIS A 140 -15.55 9.85 -0.16
C HIS A 140 -16.20 11.07 -0.84
N CYS A 141 -15.67 12.29 -0.57
CA CYS A 141 -16.15 13.54 -1.17
C CYS A 141 -15.41 13.89 -2.46
N LEU A 142 -14.20 13.30 -2.64
CA LEU A 142 -13.33 13.50 -3.78
C LEU A 142 -13.91 12.97 -5.13
N LEU A 143 -14.65 11.83 -5.09
CA LEU A 143 -15.26 11.29 -6.31
C LEU A 143 -16.69 10.75 -6.11
N PRO A 144 -17.60 10.88 -7.13
CA PRO A 144 -18.93 10.27 -7.00
C PRO A 144 -18.75 8.76 -6.93
N GLN A 145 -19.56 8.10 -6.06
CA GLN A 145 -19.57 6.65 -5.77
C GLN A 145 -18.13 6.14 -5.47
N MET A 146 -17.40 6.87 -4.60
CA MET A 146 -16.01 6.54 -4.26
C MET A 146 -15.86 5.11 -3.70
N ASP A 147 -16.79 4.66 -2.85
CA ASP A 147 -16.78 3.28 -2.37
C ASP A 147 -16.73 2.29 -3.59
N THR A 148 -17.57 2.54 -4.64
CA THR A 148 -17.63 1.74 -5.87
C THR A 148 -16.40 1.98 -6.72
N VAL A 149 -15.83 3.21 -6.67
CA VAL A 149 -14.61 3.53 -7.43
C VAL A 149 -13.46 2.68 -6.88
N ILE A 150 -13.23 2.71 -5.53
CA ILE A 150 -12.21 1.89 -4.88
C ILE A 150 -12.48 0.37 -5.11
N TYR A 151 -13.75 -0.08 -4.87
CA TYR A 151 -14.16 -1.47 -5.07
C TYR A 151 -13.91 -1.99 -6.48
N GLU A 152 -14.28 -1.18 -7.50
CA GLU A 152 -14.03 -1.55 -8.90
C GLU A 152 -12.53 -1.67 -9.20
N PHE A 153 -11.69 -0.85 -8.53
CA PHE A 153 -10.25 -0.91 -8.75
C PHE A 153 -9.69 -2.20 -8.22
N LEU A 154 -10.05 -2.55 -6.96
CA LEU A 154 -9.63 -3.79 -6.32
C LEU A 154 -9.98 -5.03 -7.14
N LYS A 155 -11.23 -5.09 -7.66
CA LYS A 155 -11.75 -6.16 -8.54
C LYS A 155 -10.87 -6.22 -9.81
N CYS A 156 -10.60 -5.03 -10.41
CA CYS A 156 -9.78 -4.81 -11.60
C CYS A 156 -8.41 -5.49 -11.39
N ILE A 157 -7.77 -5.18 -10.28
CA ILE A 157 -6.46 -5.71 -9.89
C ILE A 157 -6.51 -7.24 -9.63
N VAL A 158 -7.55 -7.73 -8.94
CA VAL A 158 -7.61 -9.16 -8.62
C VAL A 158 -7.81 -9.98 -9.91
N LEU A 159 -8.80 -9.56 -10.72
CA LEU A 159 -9.10 -10.20 -12.00
C LEU A 159 -7.93 -10.09 -12.98
N ASN A 160 -7.26 -8.91 -13.02
CA ASN A 160 -6.06 -8.69 -13.83
C ASN A 160 -6.26 -9.18 -15.31
N ILE A 161 -7.33 -8.66 -15.94
CA ILE A 161 -7.72 -8.97 -17.32
C ILE A 161 -6.94 -8.09 -18.35
N PRO A 162 -6.29 -8.70 -19.36
CA PRO A 162 -5.55 -7.92 -20.36
C PRO A 162 -6.23 -6.82 -21.19
N LYS A 163 -5.63 -5.59 -21.17
CA LYS A 163 -6.06 -4.36 -21.87
C LYS A 163 -7.13 -3.73 -21.00
N LYS A 164 -7.41 -4.35 -19.84
CA LYS A 164 -8.47 -3.95 -18.94
C LYS A 164 -8.02 -3.96 -17.47
N ARG A 165 -6.72 -3.67 -17.25
CA ARG A 165 -6.06 -3.68 -15.94
C ARG A 165 -5.27 -2.37 -15.60
N TYR A 166 -5.38 -1.33 -16.48
CA TYR A 166 -4.73 -0.06 -16.20
C TYR A 166 -5.70 1.09 -16.18
N TRP A 167 -5.59 1.88 -15.09
CA TRP A 167 -6.36 3.08 -14.80
C TRP A 167 -5.42 4.27 -14.88
N LEU A 168 -5.81 5.28 -15.66
CA LEU A 168 -5.02 6.49 -15.83
C LEU A 168 -5.60 7.61 -14.99
N PHE A 169 -4.78 8.16 -14.07
CA PHE A 169 -5.18 9.28 -13.24
C PHE A 169 -4.61 10.52 -13.89
N LYS A 170 -5.49 11.45 -14.30
CA LYS A 170 -5.08 12.67 -14.97
C LYS A 170 -5.69 13.88 -14.29
N GLY A 171 -4.82 14.76 -13.82
CA GLY A 171 -5.23 15.99 -13.18
C GLY A 171 -4.07 16.91 -12.88
N PRO A 172 -4.35 18.18 -12.50
CA PRO A 172 -3.25 19.09 -12.15
C PRO A 172 -2.75 18.82 -10.73
N ILE A 173 -1.74 19.58 -10.32
CA ILE A 173 -1.16 19.52 -8.99
C ILE A 173 -2.24 19.86 -7.93
N ASP A 174 -2.29 19.08 -6.83
CA ASP A 174 -3.22 19.21 -5.70
C ASP A 174 -4.71 19.19 -6.12
N SER A 175 -5.11 18.07 -6.71
CA SER A 175 -6.46 17.78 -7.19
C SER A 175 -6.95 16.36 -6.74
N GLY A 176 -6.16 15.71 -5.86
CA GLY A 176 -6.45 14.38 -5.31
C GLY A 176 -5.83 13.17 -6.01
N LYS A 177 -5.47 13.29 -7.32
CA LYS A 177 -4.93 12.17 -8.11
C LYS A 177 -3.75 11.45 -7.44
N THR A 178 -2.75 12.19 -6.97
CA THR A 178 -1.56 11.60 -6.37
C THR A 178 -1.93 10.82 -5.12
N THR A 179 -2.66 11.48 -4.20
CA THR A 179 -3.20 10.97 -2.94
C THR A 179 -4.03 9.69 -3.17
N LEU A 180 -4.93 9.69 -4.19
CA LEU A 180 -5.71 8.48 -4.42
C LEU A 180 -4.82 7.34 -4.86
N ALA A 181 -3.87 7.64 -5.77
CA ALA A 181 -2.94 6.65 -6.31
C ALA A 181 -2.07 6.10 -5.18
N ALA A 182 -1.58 7.01 -4.30
CA ALA A 182 -0.76 6.70 -3.13
C ALA A 182 -1.51 5.75 -2.22
N ALA A 183 -2.77 6.12 -1.88
CA ALA A 183 -3.66 5.39 -0.99
C ALA A 183 -4.04 4.05 -1.54
N LEU A 184 -4.29 3.98 -2.86
CA LEU A 184 -4.67 2.74 -3.50
C LEU A 184 -3.48 1.80 -3.57
N LEU A 185 -2.28 2.37 -3.86
CA LEU A 185 -1.02 1.62 -3.91
C LEU A 185 -0.77 0.99 -2.55
N ASP A 186 -0.97 1.75 -1.46
CA ASP A 186 -0.78 1.25 -0.12
C ASP A 186 -1.79 0.15 0.24
N LEU A 187 -3.06 0.33 -0.15
CA LEU A 187 -4.17 -0.60 0.11
C LEU A 187 -3.90 -2.00 -0.51
N CYS A 188 -3.26 -2.00 -1.69
CA CYS A 188 -2.92 -3.18 -2.45
C CYS A 188 -1.56 -3.71 -2.07
N GLY A 189 -0.69 -2.82 -1.63
CA GLY A 189 0.69 -3.14 -1.29
C GLY A 189 1.51 -3.41 -2.53
N GLY A 190 1.56 -2.42 -3.41
CA GLY A 190 2.34 -2.48 -4.64
C GLY A 190 3.62 -1.66 -4.54
N LYS A 191 4.19 -1.26 -5.69
CA LYS A 191 5.39 -0.39 -5.71
C LYS A 191 5.21 0.77 -6.70
N SER A 192 5.99 1.84 -6.54
CA SER A 192 5.90 3.01 -7.41
C SER A 192 7.10 3.08 -8.38
N LEU A 193 6.81 3.35 -9.66
CA LEU A 193 7.81 3.41 -10.72
C LEU A 193 7.99 4.78 -11.31
N ASN A 194 9.19 5.01 -11.89
CA ASN A 194 9.58 6.25 -12.56
C ASN A 194 10.04 5.98 -13.99
N VAL A 195 9.24 6.43 -14.97
CA VAL A 195 9.54 6.22 -16.40
C VAL A 195 9.99 7.51 -17.10
N ASN A 196 10.40 8.53 -16.35
CA ASN A 196 10.85 9.79 -16.95
C ASN A 196 12.32 9.80 -17.33
N MET A 197 13.04 8.71 -16.98
CA MET A 197 14.46 8.45 -17.28
C MET A 197 14.59 7.89 -18.72
N PRO A 198 15.77 7.90 -19.38
CA PRO A 198 15.83 7.36 -20.77
C PRO A 198 15.79 5.84 -20.81
N LEU A 199 15.34 5.27 -21.95
CA LEU A 199 15.18 3.84 -22.23
C LEU A 199 16.25 2.92 -21.65
N GLU A 200 17.48 3.41 -21.57
CA GLU A 200 18.67 2.72 -21.07
C GLU A 200 18.53 2.24 -19.60
N ARG A 201 18.22 3.17 -18.67
CA ARG A 201 18.11 2.88 -17.23
C ARG A 201 16.75 2.29 -16.83
N LEU A 202 15.77 2.43 -17.73
CA LEU A 202 14.38 2.01 -17.63
C LEU A 202 14.16 0.52 -17.36
N ASN A 203 14.94 -0.35 -18.02
CA ASN A 203 14.84 -1.80 -17.89
C ASN A 203 15.04 -2.34 -16.47
N PHE A 204 15.96 -1.73 -15.69
CA PHE A 204 16.25 -2.08 -14.30
C PHE A 204 15.19 -1.53 -13.35
N GLU A 205 14.60 -0.39 -13.74
CA GLU A 205 13.51 0.29 -13.03
C GLU A 205 12.19 -0.48 -13.23
N LEU A 206 11.99 -1.10 -14.41
CA LEU A 206 10.79 -1.90 -14.63
C LEU A 206 10.91 -3.22 -13.86
N GLY A 207 12.14 -3.53 -13.44
CA GLY A 207 12.49 -4.69 -12.62
C GLY A 207 11.89 -4.56 -11.22
N VAL A 208 11.69 -3.30 -10.74
CA VAL A 208 11.04 -3.02 -9.44
C VAL A 208 9.60 -3.66 -9.41
N GLY A 209 9.13 -4.09 -10.58
CA GLY A 209 7.85 -4.75 -10.83
C GLY A 209 7.77 -6.24 -10.56
N ILE A 210 8.92 -6.94 -10.48
CA ILE A 210 9.03 -8.38 -10.20
C ILE A 210 8.33 -8.74 -8.89
N ASP A 211 7.50 -9.83 -8.91
CA ASP A 211 6.74 -10.36 -7.78
C ASP A 211 5.87 -9.29 -7.06
N GLN A 212 5.35 -8.31 -7.82
CA GLN A 212 4.52 -7.25 -7.26
C GLN A 212 3.07 -7.44 -7.63
N PHE A 213 2.15 -7.16 -6.67
CA PHE A 213 0.72 -7.32 -6.90
C PHE A 213 0.22 -6.27 -7.87
N MET A 214 0.71 -5.02 -7.74
CA MET A 214 0.36 -3.89 -8.61
C MET A 214 1.50 -2.92 -8.60
N VAL A 215 1.48 -1.95 -9.53
CA VAL A 215 2.48 -0.87 -9.61
C VAL A 215 1.80 0.45 -10.00
N VAL A 216 2.39 1.59 -9.58
CA VAL A 216 1.92 2.91 -9.97
C VAL A 216 3.08 3.61 -10.65
N PHE A 217 2.90 3.97 -11.94
CA PHE A 217 3.90 4.75 -12.68
C PHE A 217 3.61 6.19 -12.26
N GLU A 218 4.26 6.64 -11.17
CA GLU A 218 3.99 7.96 -10.56
C GLU A 218 4.65 9.12 -11.31
N ASP A 219 3.81 10.15 -11.57
CA ASP A 219 4.07 11.44 -12.18
C ASP A 219 4.71 11.35 -13.57
N VAL A 220 4.07 10.61 -14.48
CA VAL A 220 4.55 10.44 -15.85
C VAL A 220 4.51 11.81 -16.61
N LYS A 221 5.67 12.26 -17.13
CA LYS A 221 5.79 13.54 -17.84
C LYS A 221 5.82 13.37 -19.38
N GLY A 222 5.24 14.35 -20.08
CA GLY A 222 5.21 14.40 -21.54
C GLY A 222 6.15 15.46 -22.07
N THR A 223 5.95 15.88 -23.32
CA THR A 223 6.82 16.88 -23.96
C THR A 223 6.02 18.02 -24.57
N GLY A 224 6.71 19.11 -24.97
CA GLY A 224 6.11 20.29 -25.59
C GLY A 224 5.10 21.07 -24.77
N ALA A 225 4.69 20.54 -23.60
CA ALA A 225 3.73 21.15 -22.70
C ALA A 225 4.40 22.15 -21.73
N GLU A 226 5.67 22.50 -22.03
CA GLU A 226 6.50 23.46 -21.29
C GLU A 226 5.89 24.88 -21.27
N SER A 227 5.15 25.21 -22.36
CA SER A 227 4.41 26.45 -22.57
C SER A 227 3.26 26.58 -21.55
N ARG A 228 2.94 25.48 -20.83
CA ARG A 228 1.89 25.38 -19.79
C ARG A 228 2.40 25.16 -18.34
N ASP A 229 3.70 25.47 -18.10
CA ASP A 229 4.45 25.31 -16.85
C ASP A 229 4.54 23.83 -16.42
N LEU A 230 4.61 22.91 -17.44
CA LEU A 230 4.74 21.46 -17.27
C LEU A 230 6.14 20.98 -17.70
N PRO A 231 6.84 20.19 -16.86
CA PRO A 231 8.19 19.71 -17.24
C PRO A 231 8.21 18.68 -18.36
N SER A 232 9.18 18.80 -19.26
CA SER A 232 9.40 17.85 -20.35
C SER A 232 10.02 16.59 -19.74
N GLY A 233 9.56 15.41 -20.20
CA GLY A 233 10.04 14.11 -19.72
C GLY A 233 9.81 12.98 -20.69
N HIS A 234 10.60 11.89 -20.53
CA HIS A 234 10.51 10.72 -21.41
C HIS A 234 9.42 9.70 -21.05
N GLY A 235 8.58 10.05 -20.09
CA GLY A 235 7.49 9.23 -19.53
C GLY A 235 6.44 8.58 -20.45
N ILE A 236 5.70 9.41 -21.21
CA ILE A 236 4.60 9.07 -22.10
C ILE A 236 5.12 8.22 -23.29
N SER A 237 6.31 8.58 -23.84
CA SER A 237 6.98 7.90 -24.96
C SER A 237 7.43 6.51 -24.53
N ASN A 238 8.14 6.45 -23.38
CA ASN A 238 8.63 5.22 -22.74
C ASN A 238 7.48 4.24 -22.47
N LEU A 239 6.34 4.76 -21.98
CA LEU A 239 5.11 4.02 -21.66
C LEU A 239 4.44 3.53 -22.93
N ASP A 240 4.52 4.36 -24.01
CA ASP A 240 3.96 4.08 -25.33
C ASP A 240 4.64 2.84 -25.88
N CYS A 241 5.95 2.67 -25.61
CA CYS A 241 6.74 1.49 -26.00
C CYS A 241 6.37 0.23 -25.25
N LEU A 242 5.98 0.37 -23.96
CA LEU A 242 5.66 -0.69 -23.02
C LEU A 242 4.18 -1.06 -23.23
N ARG A 243 3.86 -1.60 -24.40
CA ARG A 243 2.52 -2.05 -24.80
C ARG A 243 2.30 -3.41 -24.15
N ASP A 244 3.33 -4.28 -24.26
CA ASP A 244 3.32 -5.65 -23.76
C ASP A 244 3.27 -5.71 -22.25
N TYR A 245 3.79 -4.65 -21.62
CA TYR A 245 3.86 -4.46 -20.18
C TYR A 245 2.50 -4.14 -19.64
N LEU A 246 1.90 -3.02 -20.11
CA LEU A 246 0.59 -2.52 -19.70
C LEU A 246 -0.55 -3.45 -20.02
N ASP A 247 -0.60 -3.99 -21.25
CA ASP A 247 -1.67 -4.89 -21.70
C ASP A 247 -1.73 -6.16 -20.87
N GLY A 248 -0.57 -6.80 -20.68
CA GLY A 248 -0.44 -8.03 -19.91
C GLY A 248 -1.16 -9.21 -20.55
N SER A 249 -1.02 -9.34 -21.87
CA SER A 249 -1.58 -10.43 -22.69
C SER A 249 -0.60 -11.60 -22.66
N VAL A 250 0.71 -11.26 -22.53
CA VAL A 250 1.87 -12.16 -22.54
C VAL A 250 2.79 -11.95 -21.31
N LYS A 251 3.85 -12.79 -21.17
CA LYS A 251 4.81 -12.67 -20.08
C LYS A 251 5.99 -11.87 -20.61
N VAL A 252 6.37 -10.81 -19.90
CA VAL A 252 7.51 -9.94 -20.25
C VAL A 252 8.75 -10.45 -19.55
N ASN A 253 9.94 -9.99 -19.98
CA ASN A 253 11.22 -10.40 -19.41
C ASN A 253 11.87 -9.24 -18.61
N LEU A 254 11.56 -9.18 -17.31
CA LEU A 254 12.05 -8.16 -16.37
C LEU A 254 13.45 -8.48 -15.84
N GLU A 255 14.25 -7.43 -15.60
CA GLU A 255 15.61 -7.59 -15.10
C GLU A 255 15.96 -6.61 -13.96
N ARG A 256 16.67 -7.12 -12.93
CA ARG A 256 17.09 -6.34 -11.75
C ARG A 256 18.37 -6.93 -11.16
N ARG A 262 13.47 -12.19 -13.97
CA ARG A 262 12.22 -12.94 -14.00
C ARG A 262 11.41 -12.78 -15.31
N THR A 263 10.55 -13.77 -15.58
CA THR A 263 9.65 -13.78 -16.72
C THR A 263 8.23 -13.95 -16.18
N GLN A 264 7.41 -12.94 -16.38
CA GLN A 264 6.05 -12.91 -15.82
C GLN A 264 5.19 -11.86 -16.52
N VAL A 265 3.87 -11.91 -16.28
CA VAL A 265 2.98 -10.86 -16.74
C VAL A 265 3.35 -9.65 -15.84
N PHE A 266 3.62 -8.48 -16.46
CA PHE A 266 3.95 -7.25 -15.73
C PHE A 266 2.74 -6.91 -14.86
N PRO A 267 2.91 -6.50 -13.56
CA PRO A 267 1.72 -6.26 -12.72
C PRO A 267 0.78 -5.12 -13.15
N PRO A 268 -0.55 -5.22 -12.86
CA PRO A 268 -1.44 -4.09 -13.21
C PRO A 268 -1.36 -2.96 -12.19
N GLY A 269 -1.99 -1.83 -12.51
CA GLY A 269 -1.99 -0.71 -11.58
C GLY A 269 -2.54 0.58 -12.15
N ILE A 270 -1.86 1.69 -11.78
CA ILE A 270 -2.18 3.07 -12.16
C ILE A 270 -0.99 3.78 -12.81
N VAL A 271 -1.33 4.74 -13.68
CA VAL A 271 -0.42 5.67 -14.32
C VAL A 271 -0.95 7.05 -13.91
N THR A 272 -0.10 7.89 -13.31
CA THR A 272 -0.55 9.23 -12.96
C THR A 272 0.21 10.25 -13.77
N MET A 273 -0.50 11.27 -14.25
CA MET A 273 0.10 12.33 -15.04
C MET A 273 -0.65 13.64 -14.92
N ASN A 274 0.04 14.75 -15.20
CA ASN A 274 -0.56 16.08 -15.29
C ASN A 274 -1.25 16.12 -16.68
N GLU A 275 -1.87 17.26 -17.01
CA GLU A 275 -2.64 17.40 -18.26
C GLU A 275 -1.60 17.54 -19.38
N TYR A 276 -1.26 16.40 -19.99
CA TYR A 276 -0.38 16.30 -21.15
C TYR A 276 -1.24 15.56 -22.19
N SER A 277 -0.88 15.67 -23.48
CA SER A 277 -1.57 14.95 -24.56
C SER A 277 -1.16 13.48 -24.49
N VAL A 278 -2.16 12.58 -24.50
CA VAL A 278 -1.94 11.13 -24.47
C VAL A 278 -2.03 10.60 -25.93
N PRO A 279 -0.99 9.89 -26.46
CA PRO A 279 -1.07 9.37 -27.83
C PRO A 279 -2.23 8.39 -27.96
N ARG A 280 -2.79 8.28 -29.19
CA ARG A 280 -3.92 7.39 -29.49
C ARG A 280 -3.66 5.97 -28.99
N THR A 281 -2.42 5.50 -29.21
CA THR A 281 -1.91 4.17 -28.84
C THR A 281 -1.77 3.96 -27.33
N LEU A 282 -1.27 4.98 -26.60
CA LEU A 282 -1.14 4.91 -25.14
C LEU A 282 -2.51 5.04 -24.44
N GLN A 283 -3.45 5.76 -25.06
CA GLN A 283 -4.81 5.94 -24.55
C GLN A 283 -5.60 4.64 -24.65
N ALA A 284 -5.34 3.84 -25.68
CA ALA A 284 -6.03 2.57 -25.92
C ALA A 284 -5.68 1.52 -24.84
N ARG A 285 -4.59 1.79 -24.07
CA ARG A 285 -4.07 0.91 -23.02
C ARG A 285 -4.78 1.07 -21.68
N PHE A 286 -5.70 2.04 -21.58
CA PHE A 286 -6.42 2.30 -20.34
C PHE A 286 -7.91 1.95 -20.42
N VAL A 287 -8.34 1.03 -19.54
CA VAL A 287 -9.73 0.61 -19.41
C VAL A 287 -10.54 1.78 -18.81
N ARG A 288 -9.88 2.59 -17.94
CA ARG A 288 -10.53 3.68 -17.23
C ARG A 288 -9.63 4.90 -17.09
N GLN A 289 -10.24 6.09 -17.27
CA GLN A 289 -9.55 7.35 -17.06
C GLN A 289 -10.37 8.30 -16.15
N ILE A 290 -9.86 8.55 -14.93
CA ILE A 290 -10.47 9.47 -13.96
C ILE A 290 -9.74 10.80 -14.08
N ASP A 291 -10.52 11.89 -14.28
CA ASP A 291 -10.05 13.25 -14.49
C ASP A 291 -10.17 14.04 -13.23
N PHE A 292 -9.10 14.13 -12.42
CA PHE A 292 -9.13 14.87 -11.15
C PHE A 292 -9.06 16.38 -11.34
N ARG A 293 -9.97 17.13 -10.73
CA ARG A 293 -9.96 18.59 -10.83
C ARG A 293 -10.05 19.26 -9.45
N PRO A 294 -9.29 20.35 -9.23
CA PRO A 294 -9.29 20.99 -7.90
C PRO A 294 -10.61 21.67 -7.55
N LYS A 295 -11.22 21.20 -6.48
CA LYS A 295 -12.47 21.72 -5.94
C LYS A 295 -12.06 22.55 -4.71
N ALA A 296 -12.38 23.86 -4.72
CA ALA A 296 -11.98 24.78 -3.64
C ALA A 296 -12.37 24.28 -2.26
N TYR A 297 -13.60 23.73 -2.12
CA TYR A 297 -14.11 23.23 -0.85
C TYR A 297 -13.22 22.12 -0.25
N LEU A 298 -12.65 21.25 -1.09
CA LEU A 298 -11.80 20.14 -0.61
C LEU A 298 -10.51 20.59 0.03
N ARG A 299 -9.88 21.62 -0.56
CA ARG A 299 -8.61 22.16 -0.08
C ARG A 299 -8.83 23.01 1.17
N LYS A 300 -9.92 23.82 1.19
CA LYS A 300 -10.25 24.69 2.31
C LYS A 300 -10.47 23.85 3.56
N SER A 301 -11.28 22.77 3.42
CA SER A 301 -11.58 21.81 4.49
C SER A 301 -10.31 21.16 5.04
N LEU A 302 -9.37 20.81 4.17
CA LEU A 302 -8.12 20.19 4.55
C LEU A 302 -7.24 21.13 5.35
N SER A 303 -7.21 22.43 4.96
CA SER A 303 -6.48 23.49 5.65
C SER A 303 -7.09 23.61 7.04
N CYS A 304 -8.43 23.49 7.13
CA CYS A 304 -9.22 23.48 8.35
C CYS A 304 -9.08 22.18 9.14
N SER A 305 -8.54 21.12 8.51
CA SER A 305 -8.37 19.82 9.16
C SER A 305 -6.90 19.64 8.73
N GLU A 306 -5.95 20.06 9.60
CA GLU A 306 -4.50 20.01 9.39
C GLU A 306 -3.96 18.64 9.80
N TYR A 307 -4.59 18.01 10.84
CA TYR A 307 -4.28 16.70 11.43
C TYR A 307 -4.22 15.57 10.37
N LEU A 308 -5.04 15.66 9.31
CA LEU A 308 -5.06 14.70 8.22
C LEU A 308 -3.71 14.66 7.47
N LEU A 309 -3.24 15.84 6.98
CA LEU A 309 -1.97 16.00 6.26
C LEU A 309 -0.81 15.64 7.17
N GLU A 310 -0.79 16.20 8.39
CA GLU A 310 0.22 15.99 9.44
C GLU A 310 0.40 14.50 9.83
N LYS A 311 -0.68 13.70 9.74
CA LYS A 311 -0.63 12.30 10.16
C LYS A 311 -0.63 11.33 8.99
N ARG A 312 -0.48 11.87 7.74
CA ARG A 312 -0.38 11.12 6.47
C ARG A 312 -1.53 10.11 6.29
N ILE A 313 -2.74 10.54 6.73
CA ILE A 313 -3.98 9.76 6.75
C ILE A 313 -4.58 9.51 5.34
N LEU A 314 -4.65 10.54 4.48
CA LEU A 314 -5.29 10.45 3.16
C LEU A 314 -4.67 9.42 2.23
N GLN A 315 -3.35 9.41 2.13
CA GLN A 315 -2.57 8.54 1.27
C GLN A 315 -2.47 7.11 1.84
N SER A 316 -3.08 6.84 3.01
CA SER A 316 -3.02 5.53 3.64
C SER A 316 -4.07 4.54 3.15
N GLY A 317 -3.60 3.31 2.96
CA GLY A 317 -4.42 2.15 2.64
C GLY A 317 -5.30 1.83 3.83
N MET A 318 -4.85 2.13 5.08
CA MET A 318 -5.65 1.89 6.29
C MET A 318 -6.94 2.68 6.20
N THR A 319 -6.83 3.96 5.81
CA THR A 319 -7.98 4.82 5.57
C THR A 319 -8.93 4.20 4.51
N LEU A 320 -8.36 3.73 3.37
CA LEU A 320 -9.20 3.12 2.35
C LEU A 320 -9.78 1.77 2.75
N LEU A 321 -9.14 1.08 3.70
CA LEU A 321 -9.65 -0.19 4.22
C LEU A 321 -10.83 0.18 5.14
N LEU A 322 -10.61 1.22 5.97
CA LEU A 322 -11.61 1.79 6.86
C LEU A 322 -12.80 2.31 6.08
N LEU A 323 -12.58 2.91 4.88
CA LEU A 323 -13.65 3.40 3.99
C LEU A 323 -14.56 2.22 3.65
N LEU A 324 -13.94 1.18 3.08
CA LEU A 324 -14.57 -0.06 2.68
C LEU A 324 -15.24 -0.80 3.81
N ILE A 325 -14.65 -0.78 5.05
CA ILE A 325 -15.24 -1.44 6.24
C ILE A 325 -16.54 -0.68 6.61
N TRP A 326 -16.50 0.65 6.48
CA TRP A 326 -17.64 1.49 6.77
C TRP A 326 -18.82 1.30 5.78
N PHE A 327 -18.53 1.21 4.48
CA PHE A 327 -19.53 1.18 3.41
C PHE A 327 -20.01 -0.14 2.93
N ARG A 328 -19.15 -1.17 2.99
CA ARG A 328 -19.49 -2.45 2.38
C ARG A 328 -19.88 -3.52 3.35
N PRO A 329 -20.89 -4.33 2.98
CA PRO A 329 -21.29 -5.45 3.85
C PRO A 329 -20.20 -6.52 3.91
N VAL A 330 -20.25 -7.39 4.94
CA VAL A 330 -19.24 -8.44 5.16
C VAL A 330 -19.05 -9.33 3.93
N ALA A 331 -20.10 -9.49 3.13
CA ALA A 331 -20.10 -10.33 1.92
C ALA A 331 -19.17 -9.78 0.86
N ASP A 332 -19.02 -8.42 0.79
CA ASP A 332 -18.16 -7.75 -0.19
C ASP A 332 -16.67 -8.02 0.05
N PHE A 333 -16.33 -8.72 1.15
CA PHE A 333 -14.95 -9.08 1.49
C PHE A 333 -14.85 -10.58 1.48
N ALA A 334 -13.59 -11.09 1.40
CA ALA A 334 -13.27 -12.50 1.38
C ALA A 334 -13.59 -13.15 2.71
N ALA A 335 -14.17 -14.37 2.66
CA ALA A 335 -14.56 -15.15 3.83
C ALA A 335 -13.49 -15.34 4.91
N ALA A 336 -12.20 -15.42 4.49
CA ALA A 336 -11.03 -15.62 5.36
C ALA A 336 -10.84 -14.46 6.33
N ILE A 337 -11.44 -13.29 6.05
CA ILE A 337 -11.31 -12.10 6.88
C ILE A 337 -12.68 -11.57 7.35
N HIS A 338 -13.72 -12.43 7.40
CA HIS A 338 -15.04 -11.97 7.85
C HIS A 338 -15.05 -11.58 9.35
N GLU A 339 -14.44 -12.41 10.23
CA GLU A 339 -14.37 -12.14 11.67
C GLU A 339 -13.74 -10.78 11.98
N ARG A 340 -12.65 -10.44 11.26
CA ARG A 340 -11.90 -9.17 11.38
C ARG A 340 -12.74 -7.97 10.99
N ILE A 341 -13.38 -8.04 9.81
CA ILE A 341 -14.25 -7.01 9.24
C ILE A 341 -15.37 -6.75 10.19
N VAL A 342 -16.06 -7.84 10.63
CA VAL A 342 -17.19 -7.85 11.57
C VAL A 342 -16.82 -7.16 12.85
N GLN A 343 -15.63 -7.48 13.43
CA GLN A 343 -15.25 -6.83 14.67
C GLN A 343 -14.93 -5.34 14.41
N TRP A 344 -14.23 -5.02 13.30
CA TRP A 344 -13.97 -3.62 12.93
C TRP A 344 -15.25 -2.80 12.64
N LYS A 345 -16.35 -3.49 12.26
CA LYS A 345 -17.61 -2.85 11.94
C LYS A 345 -18.28 -2.38 13.21
N GLU A 346 -18.10 -3.13 14.31
CA GLU A 346 -18.62 -2.86 15.65
C GLU A 346 -17.85 -1.69 16.26
N ARG A 347 -16.51 -1.65 16.05
CA ARG A 347 -15.62 -0.59 16.49
C ARG A 347 -16.01 0.74 15.84
N LEU A 348 -16.34 0.69 14.54
CA LEU A 348 -16.76 1.89 13.84
C LEU A 348 -18.12 2.37 14.33
N ASP A 349 -19.07 1.43 14.52
CA ASP A 349 -20.41 1.71 15.04
C ASP A 349 -20.38 2.47 16.33
N LEU A 350 -19.44 2.11 17.22
CA LEU A 350 -19.20 2.73 18.51
C LEU A 350 -18.83 4.18 18.38
N GLU A 351 -17.99 4.54 17.41
CA GLU A 351 -17.44 5.88 17.27
C GLU A 351 -18.13 6.77 16.26
N ILE A 352 -18.84 6.15 15.32
CA ILE A 352 -19.44 6.90 14.23
C ILE A 352 -20.78 6.28 13.84
N SER A 353 -21.70 7.15 13.42
CA SER A 353 -22.99 6.76 12.89
C SER A 353 -23.07 7.36 11.48
N MET A 354 -23.90 6.70 10.63
CA MET A 354 -24.25 7.11 9.26
C MET A 354 -24.71 8.58 9.25
N TYR A 355 -25.48 8.99 10.28
CA TYR A 355 -25.98 10.35 10.47
C TYR A 355 -24.80 11.33 10.62
N THR A 356 -23.82 11.01 11.50
CA THR A 356 -22.64 11.84 11.76
C THR A 356 -21.60 11.74 10.64
N PHE A 357 -21.64 10.65 9.84
CA PHE A 357 -20.72 10.51 8.73
C PHE A 357 -21.16 11.42 7.61
N SER A 358 -22.48 11.56 7.41
CA SER A 358 -23.00 12.46 6.38
C SER A 358 -22.69 13.92 6.80
N THR A 359 -22.74 14.19 8.13
CA THR A 359 -22.40 15.50 8.70
C THR A 359 -20.96 15.86 8.34
N MET A 360 -20.01 14.88 8.47
CA MET A 360 -18.60 15.06 8.16
C MET A 360 -18.45 15.55 6.73
N LYS A 361 -19.09 14.84 5.79
CA LYS A 361 -19.14 15.16 4.35
C LYS A 361 -19.77 16.55 4.12
N ALA A 362 -20.86 16.88 4.86
CA ALA A 362 -21.51 18.18 4.78
C ALA A 362 -20.49 19.29 5.11
N ASN A 363 -19.62 19.07 6.13
CA ASN A 363 -18.57 20.00 6.56
C ASN A 363 -17.49 20.16 5.48
N VAL A 364 -17.30 19.13 4.64
CA VAL A 364 -16.32 19.12 3.56
C VAL A 364 -16.84 20.08 2.45
N GLY A 365 -18.12 19.96 2.12
CA GLY A 365 -18.78 20.76 1.08
C GLY A 365 -18.76 22.23 1.41
N MET A 366 -18.78 22.52 2.72
CA MET A 366 -18.72 23.85 3.32
C MET A 366 -17.28 24.35 3.50
N GLY A 367 -16.30 23.55 3.06
CA GLY A 367 -14.87 23.82 3.21
C GLY A 367 -14.50 24.05 4.67
N ALA A 368 -15.26 23.44 5.58
CA ALA A 368 -15.13 23.60 7.02
C ALA A 368 -14.41 22.41 7.67
N PRO A 369 -13.87 22.58 8.92
CA PRO A 369 -13.25 21.44 9.62
C PRO A 369 -14.19 20.25 9.61
N ILE A 370 -13.68 19.10 9.18
CA ILE A 370 -14.45 17.86 9.04
C ILE A 370 -15.00 17.41 10.40
N LEU A 371 -14.18 17.48 11.46
CA LEU A 371 -14.64 17.11 12.80
C LEU A 371 -15.02 18.36 13.59
N ASP A 372 -16.18 18.33 14.26
CA ASP A 372 -16.68 19.46 15.05
C ASP A 372 -16.40 19.25 16.52
ZN ZN B . 10.66 -7.69 25.05
O1 MES C . -20.67 -1.62 9.62
C2 MES C . -22.04 -1.96 9.73
C3 MES C . -22.86 -0.83 10.33
N4 MES C . -22.68 0.42 9.57
C5 MES C . -21.24 0.71 9.41
C6 MES C . -20.52 -0.46 8.81
C7 MES C . -23.32 1.58 10.23
C8 MES C . -24.69 1.38 10.88
S MES C . -25.47 2.77 11.50
O1S MES C . -24.51 3.85 11.52
O2S MES C . -26.59 3.03 10.62
O3S MES C . -25.89 2.38 12.84
H21 MES C . -22.35 -2.20 8.71
H22 MES C . -22.15 -2.89 10.29
H31 MES C . -23.92 -1.11 10.27
H32 MES C . -22.68 -0.72 11.38
H51 MES C . -21.13 1.61 8.80
H52 MES C . -20.77 0.94 10.36
H61 MES C . -20.93 -0.75 7.83
H62 MES C . -19.47 -0.25 8.63
H71 MES C . -22.68 1.96 11.02
H72 MES C . -23.43 2.44 9.56
H81 MES C . -24.59 0.59 11.64
H82 MES C . -25.33 0.85 10.18
S SO4 D . -2.91 15.57 -5.00
O1 SO4 D . -2.82 14.24 -4.45
O2 SO4 D . -1.63 16.27 -4.81
O3 SO4 D . -3.95 16.27 -4.27
O4 SO4 D . -3.26 15.52 -6.43
C4 6JH E . -2.00 21.41 -0.53
C5 6JH E . -1.17 22.28 0.16
C6 6JH E . -3.83 19.03 -0.63
N1 6JH E . -6.51 17.47 -2.76
C7 6JH E . -4.63 18.07 -1.32
C8 6JH E . -4.26 16.74 -1.16
N2 6JH E . -9.54 19.54 -4.80
C9 6JH E . -3.17 16.39 -0.38
C10 6JH E . -2.44 17.40 0.25
C11 6JH E . -5.79 18.38 -2.14
C12 6JH E . -7.56 18.09 -3.47
C13 6JH E . -8.51 17.40 -4.24
C14 6JH E . -9.48 18.19 -4.87
C15 6JH E . -8.62 20.19 -4.06
C16 6JH E . -7.62 19.49 -3.38
S 6JH E . -6.34 20.07 -2.40
N 6JH E . -2.74 18.70 0.13
O 6JH E . -4.13 20.34 -0.74
C3 6JH E . -3.29 21.22 -0.05
C2 6JH E . -3.79 21.87 1.07
C1 6JH E . -2.94 22.75 1.74
C 6JH E . -1.63 22.95 1.29
#